data_2V3H
#
_entry.id   2V3H
#
_cell.length_a   70.440
_cell.length_b   71.780
_cell.length_c   72.410
_cell.angle_alpha   90.00
_cell.angle_beta   100.40
_cell.angle_gamma   90.00
#
_symmetry.space_group_name_H-M   'C 1 2 1'
#
loop_
_entity.id
_entity.type
_entity.pdbx_description
1 polymer 'THROMBIN HEAVY CHAIN'
2 polymer 'HIRUDIN IIA'
3 polymer 'THROMBIN LIGHT CHAIN'
4 non-polymer '(2R)-({4-[AMINO(IMINO)METHYL]PHENYL}AMINO){3-[3-(DIMETHYLAMINO)-2,2-DIMETHYLPROPOXY]-5-ETHYLPHENYL}ACETIC ACID'
5 non-polymer 'SODIUM ION'
6 non-polymer 'CALCIUM ION'
7 water water
#
loop_
_entity_poly.entity_id
_entity_poly.type
_entity_poly.pdbx_seq_one_letter_code
_entity_poly.pdbx_strand_id
1 'polypeptide(L)'
;IVEGSDAEIGMSPWQVMLFRKSPQELLCGASLISDRWVLTAAHCLLYPPWDKNFTENDLLVRIGKHSRTRYERNIEKISM
LEKIYIHPRYNWRENLDRDIALMKLKKPVAFSDYIHPVCLPDRETAASLLQAGYKGRVTGWGNLKETWTANVGKGQPSVL
QVVNLPIVERPVCKDSTRIRITDNMFCAGYKPDEGKRGDACEGDSGGPFVMKSPFNNRWYQMGIVSWGEGCDRDGKYGFY
THVFRLKKWIQKVIDQF
;
H
2 'polypeptide(L)' (SIN)FEEIPEEYLQ I
3 'polypeptide(L)' ADCGLRPLFEKKSLEDKTERELLESYID L
#
loop_
_chem_comp.id
_chem_comp.type
_chem_comp.name
_chem_comp.formula
CA non-polymer 'CALCIUM ION' 'Ca 2'
I25 non-polymer '(2R)-({4-[AMINO(IMINO)METHYL]PHENYL}AMINO){3-[3-(DIMETHYLAMINO)-2,2-DIMETHYLPROPOXY]-5-ETHYLPHENYL}ACETIC ACID' 'C24 H34 N4 O3'
NA non-polymer 'SODIUM ION' 'Na 1'
SIN non-polymer 'SUCCINIC ACID' 'C4 H6 O4'
#
# COMPACT_ATOMS: atom_id res chain seq x y z
N ILE A 1 -3.88 -9.58 -4.63
CA ILE A 1 -4.44 -9.96 -3.29
C ILE A 1 -5.07 -11.34 -3.38
N VAL A 2 -4.63 -12.24 -2.51
CA VAL A 2 -5.17 -13.61 -2.44
C VAL A 2 -6.21 -13.67 -1.33
N GLU A 3 -7.36 -14.27 -1.63
CA GLU A 3 -8.42 -14.52 -0.63
C GLU A 3 -8.98 -13.21 -0.03
N GLY A 4 -9.05 -12.18 -0.87
CA GLY A 4 -9.70 -10.95 -0.46
C GLY A 4 -11.06 -10.84 -1.12
N SER A 5 -11.52 -9.59 -1.27
CA SER A 5 -12.83 -9.30 -1.82
C SER A 5 -12.78 -8.02 -2.65
N ASP A 6 -13.79 -7.82 -3.50
CA ASP A 6 -13.87 -6.55 -4.27
C ASP A 6 -13.99 -5.38 -3.31
N ALA A 7 -13.18 -4.34 -3.55
CA ALA A 7 -13.34 -3.04 -2.89
C ALA A 7 -14.69 -2.40 -3.18
N GLU A 8 -15.23 -1.65 -2.21
CA GLU A 8 -16.37 -0.77 -2.46
C GLU A 8 -15.86 0.47 -3.18
N ILE A 9 -16.76 1.14 -3.90
CA ILE A 9 -16.42 2.40 -4.55
C ILE A 9 -15.97 3.44 -3.51
N GLY A 10 -14.84 4.07 -3.80
CA GLY A 10 -14.26 5.07 -2.90
C GLY A 10 -13.76 4.55 -1.57
N MET A 11 -13.63 3.22 -1.44
CA MET A 11 -13.13 2.59 -0.19
C MET A 11 -11.68 2.92 0.15
N SER A 12 -10.87 3.10 -0.90
CA SER A 12 -9.42 3.37 -0.76
C SER A 12 -9.01 4.50 -1.70
N PRO A 13 -9.48 5.73 -1.43
CA PRO A 13 -9.29 6.81 -2.39
C PRO A 13 -7.85 7.33 -2.51
N TRP A 14 -6.99 6.85 -1.61
CA TRP A 14 -5.53 7.07 -1.71
C TRP A 14 -4.81 6.02 -2.57
N GLN A 15 -5.53 4.99 -3.03
CA GLN A 15 -4.91 3.95 -3.85
C GLN A 15 -4.36 4.51 -5.15
N VAL A 16 -3.09 4.20 -5.44
CA VAL A 16 -2.49 4.60 -6.72
C VAL A 16 -2.01 3.36 -7.46
N MET A 17 -2.17 3.39 -8.80
CA MET A 17 -1.62 2.37 -9.67
C MET A 17 -0.41 2.96 -10.38
N LEU A 18 0.73 2.27 -10.24
CA LEU A 18 1.95 2.54 -11.02
C LEU A 18 1.85 1.74 -12.31
N PHE A 19 1.94 2.46 -13.44
CA PHE A 19 1.55 1.89 -14.72
C PHE A 19 2.68 2.09 -15.72
N ARG A 20 3.23 0.98 -16.20
CA ARG A 20 4.29 1.03 -17.18
C ARG A 20 3.76 1.46 -18.55
N LYS A 21 4.48 2.38 -19.21
CA LYS A 21 4.05 2.89 -20.50
C LYS A 21 4.22 1.83 -21.60
N SER A 22 5.39 1.17 -21.60
CA SER A 22 5.78 0.28 -22.71
C SER A 22 6.55 -0.94 -22.21
N PRO A 23 5.94 -2.14 -22.29
CA PRO A 23 4.53 -2.40 -22.60
C PRO A 23 3.60 -1.87 -21.51
N GLN A 24 2.35 -1.61 -21.88
CA GLN A 24 1.31 -1.26 -20.90
C GLN A 24 1.07 -2.44 -19.97
N GLU A 25 1.33 -2.23 -18.68
CA GLU A 25 1.12 -3.27 -17.67
C GLU A 25 1.16 -2.69 -16.27
N LEU A 26 0.60 -3.42 -15.31
CA LEU A 26 0.66 -3.00 -13.91
C LEU A 26 2.11 -3.15 -13.42
N LEU A 27 2.69 -2.06 -12.89
CA LEU A 27 4.02 -2.13 -12.26
C LEU A 27 3.97 -2.43 -10.77
N CYS A 28 3.04 -1.81 -10.06
CA CYS A 28 3.00 -1.90 -8.61
C CYS A 28 1.86 -1.08 -8.09
N GLY A 29 1.57 -1.24 -6.80
CA GLY A 29 0.73 -0.30 -6.11
C GLY A 29 1.53 0.86 -5.52
N ALA A 30 0.80 1.77 -4.91
CA ALA A 30 1.32 3.00 -4.34
C ALA A 30 0.22 3.73 -3.63
N SER A 31 0.54 4.86 -2.99
CA SER A 31 -0.50 5.60 -2.26
C SER A 31 -0.32 7.12 -2.37
N LEU A 32 -1.43 7.84 -2.33
CA LEU A 32 -1.42 9.30 -2.40
C LEU A 32 -1.29 9.90 -1.00
N ILE A 33 -0.25 10.69 -0.77
CA ILE A 33 -0.07 11.28 0.58
C ILE A 33 -0.22 12.79 0.67
N SER A 34 -0.26 13.44 -0.50
CA SER A 34 -0.67 14.84 -0.63
C SER A 34 -1.05 15.05 -2.09
N ASP A 35 -1.34 16.30 -2.53
CA ASP A 35 -1.68 16.50 -3.94
C ASP A 35 -0.50 16.34 -4.92
N ARG A 36 0.71 16.16 -4.38
N ARG A 36 0.72 16.25 -4.38
CA ARG A 36 1.90 16.20 -5.19
CA ARG A 36 1.94 16.24 -5.18
C ARG A 36 2.83 15.01 -4.94
C ARG A 36 2.85 15.05 -4.91
N TRP A 37 2.57 14.27 -3.87
CA TRP A 37 3.48 13.20 -3.44
C TRP A 37 2.82 11.83 -3.38
N VAL A 38 3.52 10.83 -3.91
CA VAL A 38 3.06 9.45 -3.92
C VAL A 38 4.10 8.54 -3.26
N LEU A 39 3.65 7.63 -2.42
CA LEU A 39 4.52 6.70 -1.70
C LEU A 39 4.44 5.29 -2.31
N THR A 40 5.58 4.60 -2.41
CA THR A 40 5.60 3.24 -2.91
C THR A 40 6.81 2.48 -2.29
N ALA A 41 7.03 1.26 -2.75
CA ALA A 41 8.16 0.43 -2.31
C ALA A 41 9.30 0.72 -3.25
N ALA A 42 10.51 0.91 -2.72
CA ALA A 42 11.67 1.10 -3.63
C ALA A 42 11.82 0.00 -4.71
N HIS A 43 11.53 -1.26 -4.34
CA HIS A 43 11.82 -2.40 -5.26
C HIS A 43 10.89 -2.39 -6.46
N CYS A 44 9.86 -1.53 -6.39
CA CYS A 44 8.95 -1.32 -7.51
C CYS A 44 9.64 -0.59 -8.62
N LEU A 45 10.69 0.14 -8.24
CA LEU A 45 11.41 1.04 -9.14
C LEU A 45 12.85 0.58 -9.37
N LEU A 46 13.48 0.05 -8.32
CA LEU A 46 14.89 -0.31 -8.41
C LEU A 46 15.13 -1.69 -7.84
N TYR A 47 15.51 -2.65 -8.70
CA TYR A 47 15.85 -3.99 -8.24
C TYR A 47 16.84 -4.66 -9.19
N PRO A 48 18.14 -4.32 -9.03
CA PRO A 48 19.18 -4.86 -9.93
C PRO A 48 19.22 -6.38 -10.15
N PRO A 49 18.95 -7.21 -9.13
CA PRO A 49 18.92 -8.65 -9.40
C PRO A 49 17.99 -9.08 -10.55
N TRP A 50 16.93 -8.32 -10.80
CA TRP A 50 15.99 -8.58 -11.91
C TRP A 50 16.15 -7.57 -13.06
N ASP A 51 17.27 -6.86 -13.09
CA ASP A 51 17.51 -5.73 -14.01
C ASP A 51 16.36 -4.74 -14.09
N LYS A 52 15.76 -4.43 -12.96
CA LYS A 52 14.71 -3.42 -12.90
C LYS A 52 15.31 -2.10 -12.48
N ASN A 53 15.13 -1.10 -13.34
CA ASN A 53 15.62 0.25 -13.07
C ASN A 53 14.79 1.26 -13.83
N PHE A 54 13.63 1.61 -13.29
CA PHE A 54 12.71 2.52 -13.95
C PHE A 54 13.06 3.97 -13.67
N THR A 55 13.11 4.77 -14.73
CA THR A 55 13.33 6.20 -14.66
C THR A 55 11.95 6.91 -14.70
N GLU A 56 11.90 8.20 -14.39
CA GLU A 56 10.62 8.93 -14.32
C GLU A 56 9.76 8.76 -15.56
N ASN A 57 10.39 8.77 -16.75
CA ASN A 57 9.64 8.73 -18.01
C ASN A 57 9.07 7.36 -18.39
N ASP A 58 9.45 6.32 -17.66
CA ASP A 58 9.03 4.96 -17.97
C ASP A 58 7.61 4.65 -17.50
N LEU A 59 7.10 5.42 -16.56
CA LEU A 59 5.80 5.11 -15.94
C LEU A 59 4.86 6.30 -15.77
N LEU A 60 3.60 5.97 -15.50
CA LEU A 60 2.56 6.94 -15.19
C LEU A 60 1.95 6.54 -13.87
N VAL A 61 1.33 7.52 -13.20
CA VAL A 61 0.58 7.27 -11.98
C VAL A 61 -0.92 7.43 -12.31
N ARG A 62 -1.72 6.42 -11.93
CA ARG A 62 -3.17 6.44 -12.15
C ARG A 62 -3.86 6.40 -10.80
N ILE A 63 -4.69 7.41 -10.59
CA ILE A 63 -5.28 7.71 -9.27
C ILE A 63 -6.78 7.74 -9.44
N GLY A 64 -7.51 7.28 -8.41
CA GLY A 64 -8.97 7.25 -8.40
C GLY A 64 -9.56 6.02 -9.08
N LYS A 65 -8.72 4.99 -9.28
CA LYS A 65 -9.14 3.79 -10.04
C LYS A 65 -9.89 2.77 -9.22
N HIS A 66 -10.74 2.03 -9.90
CA HIS A 66 -11.42 0.89 -9.33
C HIS A 66 -11.14 -0.35 -10.19
N SER A 67 -11.57 -0.29 -11.44
CA SER A 67 -11.30 -1.32 -12.42
C SER A 67 -9.81 -1.37 -12.68
N ARG A 68 -9.27 -2.59 -12.75
CA ARG A 68 -7.86 -2.81 -13.11
C ARG A 68 -7.57 -2.32 -14.52
N THR A 69 -8.32 -2.82 -15.50
CA THR A 69 -7.92 -2.67 -16.92
C THR A 69 -8.57 -1.51 -17.70
N ARG A 70 -9.77 -1.09 -17.26
N ARG A 70 -9.74 -1.06 -17.28
CA ARG A 70 -10.56 -0.04 -17.92
CA ARG A 70 -10.49 -0.10 -18.08
C ARG A 70 -9.89 1.34 -17.81
C ARG A 70 -10.04 1.34 -17.80
N TYR A 71 -10.08 2.17 -18.84
CA TYR A 71 -9.80 3.59 -18.68
C TYR A 71 -11.09 4.20 -18.10
N GLU A 72 -11.00 4.70 -16.86
CA GLU A 72 -12.19 5.13 -16.14
C GLU A 72 -12.44 6.63 -16.37
N ARG A 73 -12.96 6.90 -17.56
CA ARG A 73 -13.34 8.23 -18.03
C ARG A 73 -14.13 9.00 -16.95
N ASN A 74 -13.73 10.26 -16.73
CA ASN A 74 -14.39 11.17 -15.76
C ASN A 74 -14.16 10.80 -14.27
N ILE A 75 -13.30 9.82 -14.01
CA ILE A 75 -13.10 9.33 -12.65
C ILE A 75 -11.61 9.30 -12.30
N GLU A 76 -10.83 8.51 -13.04
CA GLU A 76 -9.41 8.40 -12.74
C GLU A 76 -8.69 9.60 -13.32
N LYS A 77 -7.54 9.89 -12.71
CA LYS A 77 -6.64 10.95 -13.15
C LYS A 77 -5.27 10.33 -13.42
N ILE A 78 -4.68 10.76 -14.53
CA ILE A 78 -3.37 10.25 -14.89
C ILE A 78 -2.31 11.35 -14.69
N SER A 79 -1.26 11.03 -13.93
CA SER A 79 -0.21 11.98 -13.58
C SER A 79 1.15 11.48 -14.04
N MET A 80 1.99 12.42 -14.46
CA MET A 80 3.34 12.09 -14.83
C MET A 80 4.27 12.37 -13.66
N LEU A 81 5.41 11.69 -13.64
CA LEU A 81 6.40 11.85 -12.58
C LEU A 81 7.41 12.96 -12.87
N GLU A 82 7.60 13.83 -11.90
CA GLU A 82 8.70 14.82 -11.98
C GLU A 82 10.04 14.19 -11.53
N LYS A 83 10.01 13.48 -10.40
CA LYS A 83 11.23 12.96 -9.80
C LYS A 83 10.92 11.80 -8.87
N ILE A 84 11.79 10.80 -8.92
CA ILE A 84 11.73 9.65 -7.99
C ILE A 84 12.80 9.84 -6.90
N TYR A 85 12.49 9.44 -5.68
CA TYR A 85 13.43 9.52 -4.56
C TYR A 85 13.43 8.20 -3.85
N ILE A 86 14.52 7.44 -3.98
CA ILE A 86 14.66 6.12 -3.30
C ILE A 86 15.46 6.31 -1.99
N HIS A 87 15.07 5.61 -0.92
CA HIS A 87 15.78 5.72 0.35
C HIS A 87 17.25 5.38 0.07
N PRO A 88 18.19 6.24 0.53
CA PRO A 88 19.62 5.98 0.25
C PRO A 88 20.16 4.71 0.90
N ARG A 89 19.48 4.20 1.91
CA ARG A 89 19.92 2.97 2.55
C ARG A 89 19.00 1.77 2.28
N TYR A 90 18.14 1.89 1.26
CA TYR A 90 17.40 0.74 0.72
C TYR A 90 18.37 -0.43 0.43
N ASN A 91 18.10 -1.59 1.03
CA ASN A 91 18.97 -2.76 0.91
C ASN A 91 18.38 -3.77 -0.08
N TRP A 92 18.69 -3.62 -1.37
CA TRP A 92 18.18 -4.55 -2.38
C TRP A 92 19.03 -5.83 -2.47
N ARG A 93 20.24 -5.77 -1.91
CA ARG A 93 21.17 -6.93 -1.99
C ARG A 93 20.72 -8.10 -1.12
N GLU A 94 20.07 -7.81 0.01
CA GLU A 94 19.74 -8.90 0.92
C GLU A 94 18.24 -9.10 1.16
N ASN A 95 17.64 -8.18 1.92
CA ASN A 95 16.32 -8.44 2.51
C ASN A 95 15.27 -7.35 2.25
N LEU A 96 15.60 -6.40 1.37
CA LEU A 96 14.74 -5.24 1.08
C LEU A 96 14.50 -4.34 2.32
N ASP A 97 15.52 -4.22 3.16
CA ASP A 97 15.44 -3.32 4.33
C ASP A 97 15.23 -1.90 3.81
N ARG A 98 14.33 -1.14 4.43
CA ARG A 98 14.00 0.24 4.01
C ARG A 98 13.45 0.26 2.57
N ASP A 99 12.49 -0.62 2.30
CA ASP A 99 11.88 -0.72 0.98
C ASP A 99 10.87 0.42 0.78
N ILE A 100 11.34 1.61 0.37
CA ILE A 100 10.49 2.80 0.39
C ILE A 100 11.01 3.79 -0.64
N ALA A 101 10.09 4.43 -1.35
CA ALA A 101 10.43 5.45 -2.31
C ALA A 101 9.28 6.45 -2.39
N LEU A 102 9.64 7.69 -2.71
CA LEU A 102 8.68 8.74 -2.98
C LEU A 102 8.77 9.18 -4.45
N MET A 103 7.65 9.65 -4.96
CA MET A 103 7.59 10.16 -6.32
C MET A 103 6.83 11.49 -6.28
N LYS A 104 7.44 12.55 -6.79
CA LYS A 104 6.80 13.85 -6.88
C LYS A 104 6.14 13.94 -8.24
N LEU A 105 4.86 14.35 -8.25
CA LEU A 105 4.10 14.50 -9.50
C LEU A 105 4.43 15.81 -10.16
N LYS A 106 4.34 15.83 -11.49
CA LYS A 106 4.59 17.05 -12.26
C LYS A 106 3.61 18.19 -11.97
N LYS A 107 2.39 17.85 -11.58
CA LYS A 107 1.36 18.85 -11.32
C LYS A 107 0.52 18.30 -10.19
N PRO A 108 -0.07 19.18 -9.37
CA PRO A 108 -0.96 18.68 -8.30
C PRO A 108 -2.19 17.98 -8.87
N VAL A 109 -2.64 16.90 -8.20
CA VAL A 109 -3.88 16.22 -8.59
C VAL A 109 -5.06 16.85 -7.83
N ALA A 110 -6.19 17.01 -8.51
CA ALA A 110 -7.39 17.49 -7.82
C ALA A 110 -8.06 16.37 -7.04
N PHE A 111 -8.42 16.66 -5.79
CA PHE A 111 -9.13 15.69 -4.96
C PHE A 111 -10.58 15.58 -5.41
N SER A 112 -11.18 14.41 -5.21
CA SER A 112 -12.57 14.18 -5.62
C SER A 112 -13.18 13.15 -4.71
N ASP A 113 -14.39 12.70 -5.01
CA ASP A 113 -14.97 11.53 -4.26
C ASP A 113 -14.06 10.28 -4.29
N TYR A 114 -13.22 10.17 -5.33
CA TYR A 114 -12.45 8.95 -5.62
C TYR A 114 -10.97 9.11 -5.33
N ILE A 115 -10.56 10.35 -5.00
CA ILE A 115 -9.15 10.72 -4.91
C ILE A 115 -8.93 11.55 -3.66
N HIS A 116 -8.20 11.02 -2.69
CA HIS A 116 -8.01 11.72 -1.41
C HIS A 116 -6.78 11.15 -0.68
N PRO A 117 -5.98 12.01 -0.01
CA PRO A 117 -4.78 11.45 0.63
C PRO A 117 -5.03 10.71 1.95
N VAL A 118 -4.17 9.72 2.21
CA VAL A 118 -4.11 8.99 3.49
C VAL A 118 -3.21 9.78 4.47
N CYS A 119 -3.42 9.61 5.77
CA CYS A 119 -2.51 10.20 6.75
C CYS A 119 -1.29 9.32 6.95
N LEU A 120 -0.19 9.97 7.33
CA LEU A 120 0.97 9.23 7.84
C LEU A 120 1.00 9.24 9.37
N PRO A 121 1.41 8.11 9.99
CA PRO A 121 1.36 8.07 11.46
C PRO A 121 2.40 8.96 12.12
N ASP A 122 2.08 9.43 13.31
CA ASP A 122 3.12 9.96 14.18
C ASP A 122 3.51 8.91 15.23
N ARG A 123 4.42 9.25 16.15
CA ARG A 123 4.98 8.25 17.09
C ARG A 123 3.87 7.62 17.91
N GLU A 124 2.93 8.46 18.33
CA GLU A 124 1.80 8.03 19.16
C GLU A 124 0.88 7.05 18.42
N THR A 125 0.57 7.37 17.16
CA THR A 125 -0.28 6.52 16.30
C THR A 125 0.35 5.14 16.21
N ALA A 126 1.66 5.11 15.95
CA ALA A 126 2.37 3.85 15.77
C ALA A 126 2.38 3.02 17.04
N ALA A 127 2.68 3.65 18.18
CA ALA A 127 2.72 2.92 19.44
C ALA A 127 1.36 2.35 19.81
N SER A 128 0.30 3.11 19.53
CA SER A 128 -1.05 2.68 19.86
C SER A 128 -1.56 1.58 18.93
N LEU A 129 -1.24 1.66 17.64
CA LEU A 129 -1.90 0.78 16.66
C LEU A 129 -1.09 -0.43 16.17
N LEU A 130 0.24 -0.31 16.20
CA LEU A 130 1.12 -1.33 15.61
C LEU A 130 1.41 -2.42 16.64
N GLN A 131 0.35 -3.17 16.95
CA GLN A 131 0.36 -4.20 18.00
C GLN A 131 -0.08 -5.53 17.43
N ALA A 132 0.55 -6.62 17.86
CA ALA A 132 0.15 -7.96 17.42
C ALA A 132 -1.34 -8.17 17.65
N GLY A 133 -2.01 -8.73 16.64
CA GLY A 133 -3.44 -8.97 16.73
C GLY A 133 -4.32 -7.85 16.18
N TYR A 134 -3.83 -6.61 16.28
CA TYR A 134 -4.56 -5.50 15.64
C TYR A 134 -4.54 -5.69 14.13
N LYS A 135 -5.71 -5.49 13.50
CA LYS A 135 -5.81 -5.69 12.03
C LYS A 135 -5.66 -4.40 11.25
N GLY A 136 -4.93 -4.50 10.13
CA GLY A 136 -4.92 -3.48 9.09
C GLY A 136 -5.51 -3.98 7.79
N ARG A 137 -5.47 -3.13 6.77
CA ARG A 137 -6.15 -3.39 5.50
C ARG A 137 -5.16 -3.23 4.38
N VAL A 138 -5.12 -4.21 3.46
CA VAL A 138 -4.19 -4.15 2.33
C VAL A 138 -5.04 -4.20 1.06
N THR A 139 -4.65 -3.39 0.06
CA THR A 139 -5.40 -3.27 -1.18
C THR A 139 -4.44 -3.34 -2.38
N GLY A 140 -4.92 -3.86 -3.50
CA GLY A 140 -4.12 -3.89 -4.70
C GLY A 140 -4.78 -4.61 -5.86
N TRP A 141 -4.13 -4.52 -7.03
CA TRP A 141 -4.63 -5.14 -8.26
C TRP A 141 -3.76 -6.32 -8.69
N GLY A 142 -3.00 -6.86 -7.73
CA GLY A 142 -2.08 -7.96 -8.01
C GLY A 142 -2.78 -9.28 -8.14
N ASN A 143 -1.98 -10.33 -8.36
CA ASN A 143 -2.44 -11.71 -8.52
C ASN A 143 -3.45 -12.17 -7.48
N LEU A 144 -4.45 -12.93 -7.93
CA LEU A 144 -5.45 -13.49 -7.04
C LEU A 144 -4.94 -14.81 -6.44
N LYS A 145 -3.92 -15.39 -7.08
CA LYS A 145 -3.37 -16.66 -6.65
C LYS A 145 -1.86 -16.62 -6.81
N GLU A 146 -1.15 -17.37 -5.97
CA GLU A 146 0.29 -17.51 -6.12
C GLU A 146 0.62 -18.05 -7.52
N THR A 147 -0.14 -19.04 -8.00
CA THR A 147 0.15 -19.63 -9.31
C THR A 147 -0.92 -19.32 -10.36
N GLY A 155 -6.85 -15.57 -11.96
CA GLY A 155 -5.57 -14.93 -12.27
C GLY A 155 -5.45 -13.50 -11.78
N GLN A 156 -5.96 -12.58 -12.59
CA GLN A 156 -5.90 -11.15 -12.30
C GLN A 156 -7.32 -10.62 -12.05
N PRO A 157 -7.49 -9.70 -11.08
CA PRO A 157 -8.82 -9.22 -10.69
C PRO A 157 -9.43 -8.25 -11.69
N SER A 158 -10.76 -8.19 -11.72
CA SER A 158 -11.48 -7.19 -12.53
C SER A 158 -11.36 -5.84 -11.84
N VAL A 159 -11.51 -5.85 -10.52
CA VAL A 159 -11.45 -4.60 -9.75
C VAL A 159 -10.53 -4.69 -8.54
N LEU A 160 -10.21 -3.53 -7.97
CA LEU A 160 -9.41 -3.42 -6.75
C LEU A 160 -9.85 -4.41 -5.68
N GLN A 161 -8.89 -5.14 -5.11
CA GLN A 161 -9.15 -6.15 -4.08
C GLN A 161 -8.72 -5.62 -2.69
N VAL A 162 -9.38 -6.12 -1.66
CA VAL A 162 -9.11 -5.68 -0.30
C VAL A 162 -9.09 -6.90 0.64
N VAL A 163 -8.18 -6.88 1.59
CA VAL A 163 -8.17 -7.89 2.65
C VAL A 163 -7.71 -7.26 3.97
N ASN A 164 -8.39 -7.65 5.04
CA ASN A 164 -8.03 -7.23 6.40
C ASN A 164 -7.22 -8.36 7.05
N LEU A 165 -6.08 -8.02 7.67
CA LEU A 165 -5.10 -9.01 8.21
C LEU A 165 -4.51 -8.53 9.52
N PRO A 166 -4.34 -9.45 10.50
CA PRO A 166 -3.76 -9.03 11.79
C PRO A 166 -2.25 -8.92 11.73
N ILE A 167 -1.70 -7.95 12.48
CA ILE A 167 -0.26 -7.81 12.66
C ILE A 167 0.19 -9.02 13.50
N VAL A 168 1.37 -9.55 13.19
CA VAL A 168 1.85 -10.77 13.86
C VAL A 168 2.99 -10.42 14.83
N GLU A 169 3.09 -11.16 15.92
CA GLU A 169 4.17 -11.03 16.90
C GLU A 169 5.53 -11.17 16.21
N ARG A 170 6.47 -10.30 16.56
CA ARG A 170 7.76 -10.29 15.90
C ARG A 170 8.53 -11.65 15.94
N PRO A 171 8.58 -12.32 17.09
CA PRO A 171 9.17 -13.68 17.15
C PRO A 171 8.55 -14.68 16.17
N VAL A 172 7.23 -14.63 15.98
CA VAL A 172 6.54 -15.52 15.05
C VAL A 172 6.90 -15.20 13.61
N CYS A 173 6.96 -13.90 13.29
CA CYS A 173 7.44 -13.46 11.99
C CYS A 173 8.85 -13.97 11.71
N LYS A 174 9.75 -13.79 12.68
CA LYS A 174 11.16 -14.19 12.51
C LYS A 174 11.30 -15.68 12.30
N ASP A 175 10.49 -16.43 13.04
CA ASP A 175 10.55 -17.89 13.04
C ASP A 175 9.94 -18.54 11.79
N SER A 176 9.33 -17.72 10.94
CA SER A 176 8.63 -18.20 9.74
C SER A 176 9.53 -18.19 8.51
N THR A 177 10.72 -17.64 8.64
CA THR A 177 11.54 -17.37 7.45
C THR A 177 13.03 -17.46 7.76
N ARG A 178 13.84 -17.70 6.73
CA ARG A 178 15.29 -17.70 6.87
C ARG A 178 15.84 -16.29 6.62
N ILE A 179 14.99 -15.41 6.07
CA ILE A 179 15.38 -14.02 5.76
C ILE A 179 15.49 -13.21 7.06
N ARG A 180 16.50 -12.35 7.15
CA ARG A 180 16.68 -11.47 8.30
C ARG A 180 15.65 -10.34 8.34
N ILE A 181 14.87 -10.30 9.41
CA ILE A 181 13.83 -9.29 9.59
C ILE A 181 14.38 -8.12 10.41
N THR A 182 14.24 -6.89 9.89
CA THR A 182 14.77 -5.73 10.59
C THR A 182 13.67 -4.96 11.34
N ASP A 183 14.07 -3.99 12.17
CA ASP A 183 13.13 -3.12 12.90
C ASP A 183 12.36 -2.24 11.92
N ASN A 184 12.79 -2.19 10.66
CA ASN A 184 12.08 -1.42 9.62
C ASN A 184 11.00 -2.19 8.90
N MET A 185 10.71 -3.39 9.40
CA MET A 185 9.73 -4.28 8.78
C MET A 185 8.78 -4.78 9.86
N PHE A 186 7.56 -5.13 9.44
CA PHE A 186 6.67 -5.91 10.29
C PHE A 186 5.93 -6.92 9.41
N CYS A 187 5.34 -7.95 10.01
CA CYS A 187 4.62 -8.93 9.20
C CYS A 187 3.14 -8.98 9.62
N ALA A 188 2.28 -9.42 8.71
CA ALA A 188 0.85 -9.54 8.95
C ALA A 188 0.30 -10.76 8.22
N GLY A 189 -0.78 -11.31 8.76
CA GLY A 189 -1.47 -12.46 8.16
C GLY A 189 -1.94 -13.38 9.26
N TYR A 190 -2.86 -14.29 8.91
CA TYR A 190 -3.38 -15.25 9.85
C TYR A 190 -2.41 -16.42 9.97
N LYS A 191 -2.47 -17.05 11.16
CA LYS A 191 -1.75 -18.28 11.46
C LYS A 191 -2.57 -19.48 10.97
N PRO A 192 -1.91 -20.63 10.73
CA PRO A 192 -2.63 -21.87 10.36
C PRO A 192 -3.81 -22.17 11.28
N ASP A 193 -3.62 -22.02 12.58
CA ASP A 193 -4.67 -22.39 13.54
C ASP A 193 -5.85 -21.40 13.58
N GLU A 194 -5.71 -20.24 12.93
CA GLU A 194 -6.77 -19.22 12.97
C GLU A 194 -7.88 -19.44 11.93
N GLY A 195 -7.66 -20.34 10.97
CA GLY A 195 -8.67 -20.68 9.95
C GLY A 195 -8.82 -19.73 8.77
N LYS A 196 -8.74 -18.43 9.04
CA LYS A 196 -8.94 -17.40 8.01
C LYS A 196 -7.70 -17.27 7.14
N ARG A 197 -7.87 -16.70 5.95
CA ARG A 197 -6.79 -16.64 4.98
C ARG A 197 -6.64 -15.21 4.46
N GLY A 198 -5.65 -15.00 3.61
CA GLY A 198 -5.48 -13.70 2.99
C GLY A 198 -4.04 -13.23 2.95
N ASP A 199 -3.66 -12.60 1.85
CA ASP A 199 -2.31 -12.11 1.68
C ASP A 199 -2.27 -11.15 0.48
N ALA A 200 -1.25 -10.30 0.46
CA ALA A 200 -0.84 -9.61 -0.77
C ALA A 200 -0.09 -10.61 -1.68
N CYS A 201 0.15 -10.23 -2.93
CA CYS A 201 0.84 -11.11 -3.87
C CYS A 201 1.56 -10.28 -4.91
N GLU A 202 2.23 -10.95 -5.86
CA GLU A 202 2.86 -10.25 -6.99
C GLU A 202 1.89 -9.23 -7.60
N GLY A 203 2.36 -8.01 -7.80
CA GLY A 203 1.54 -6.92 -8.35
C GLY A 203 0.98 -5.97 -7.30
N ASP A 204 1.03 -6.39 -6.03
CA ASP A 204 0.53 -5.58 -4.91
C ASP A 204 1.62 -4.80 -4.19
N SER A 205 2.89 -5.09 -4.51
CA SER A 205 3.98 -4.40 -3.81
C SER A 205 3.83 -2.93 -3.99
N GLY A 206 4.19 -2.15 -2.96
CA GLY A 206 4.14 -0.69 -3.05
C GLY A 206 2.80 -0.13 -2.56
N GLY A 207 1.80 -1.00 -2.46
CA GLY A 207 0.47 -0.60 -2.03
C GLY A 207 0.46 -0.42 -0.52
N PRO A 208 -0.60 0.21 -0.01
CA PRO A 208 -0.66 0.57 1.41
C PRO A 208 -1.22 -0.53 2.31
N PHE A 209 -0.69 -0.62 3.54
CA PHE A 209 -1.31 -1.33 4.67
C PHE A 209 -1.85 -0.24 5.59
N VAL A 210 -3.18 -0.12 5.72
CA VAL A 210 -3.74 1.01 6.47
C VAL A 210 -4.46 0.54 7.71
N MET A 211 -4.65 1.47 8.63
CA MET A 211 -5.41 1.21 9.85
C MET A 211 -6.30 2.42 10.16
N LYS A 212 -7.48 2.17 10.72
CA LYS A 212 -8.38 3.29 11.04
C LYS A 212 -8.27 3.59 12.53
N SER A 213 -7.79 4.78 12.86
CA SER A 213 -7.65 5.11 14.27
C SER A 213 -9.00 5.12 14.98
N PRO A 214 -9.11 4.42 16.13
CA PRO A 214 -10.35 4.45 16.92
C PRO A 214 -10.49 5.73 17.74
N PHE A 215 -9.47 6.59 17.68
CA PHE A 215 -9.41 7.82 18.50
C PHE A 215 -9.97 8.98 17.72
N ASN A 216 -9.58 9.07 16.45
CA ASN A 216 -9.93 10.23 15.63
C ASN A 216 -10.59 9.86 14.29
N ASN A 217 -10.90 8.57 14.12
CA ASN A 217 -11.62 8.05 12.96
C ASN A 217 -10.96 8.34 11.61
N ARG A 218 -9.64 8.54 11.62
CA ARG A 218 -8.85 8.72 10.38
C ARG A 218 -8.08 7.47 10.00
N TRP A 219 -7.87 7.32 8.69
CA TRP A 219 -7.05 6.23 8.17
C TRP A 219 -5.59 6.65 8.07
N TYR A 220 -4.74 5.77 8.59
CA TYR A 220 -3.29 5.97 8.60
C TYR A 220 -2.56 4.86 7.86
N GLN A 221 -1.59 5.23 7.03
CA GLN A 221 -0.82 4.21 6.36
C GLN A 221 0.33 3.76 7.24
N MET A 222 0.20 2.56 7.81
CA MET A 222 1.19 2.04 8.74
C MET A 222 2.28 1.25 8.02
N GLY A 223 1.93 0.65 6.88
CA GLY A 223 2.88 -0.20 6.14
C GLY A 223 2.81 -0.01 4.63
N ILE A 224 3.86 -0.45 3.96
CA ILE A 224 3.87 -0.58 2.54
C ILE A 224 4.06 -2.05 2.20
N VAL A 225 3.27 -2.59 1.27
CA VAL A 225 3.52 -3.97 0.81
C VAL A 225 4.94 -4.12 0.29
N SER A 226 5.73 -4.98 0.94
CA SER A 226 7.13 -5.16 0.52
C SER A 226 7.33 -6.52 -0.17
N TRP A 227 7.42 -7.60 0.61
CA TRP A 227 7.75 -8.91 0.04
C TRP A 227 7.07 -10.06 0.80
N GLY A 228 7.21 -11.25 0.24
CA GLY A 228 6.72 -12.48 0.88
C GLY A 228 7.24 -13.66 0.09
N GLU A 229 7.11 -14.85 0.67
CA GLU A 229 7.64 -16.03 0.03
C GLU A 229 6.44 -16.84 -0.45
N GLY A 230 6.17 -16.75 -1.75
CA GLY A 230 4.92 -17.24 -2.30
C GLY A 230 3.81 -16.29 -1.88
N CYS A 231 2.56 -16.74 -1.97
CA CYS A 231 1.42 -15.95 -1.47
C CYS A 231 0.41 -16.81 -0.74
N ASP A 232 -0.03 -16.33 0.43
CA ASP A 232 -1.06 -17.04 1.22
C ASP A 232 -0.70 -18.50 1.58
N ARG A 233 0.58 -18.77 1.81
CA ARG A 233 1.00 -20.10 2.25
C ARG A 233 0.80 -20.23 3.77
N ASP A 234 0.41 -21.42 4.23
CA ASP A 234 0.31 -21.70 5.67
C ASP A 234 1.68 -21.55 6.35
N GLY A 235 1.73 -20.79 7.44
CA GLY A 235 2.96 -20.62 8.21
C GLY A 235 3.90 -19.52 7.69
N LYS A 236 3.49 -18.87 6.60
CA LYS A 236 4.20 -17.72 6.02
C LYS A 236 3.35 -16.45 6.21
N TYR A 237 4.02 -15.29 6.22
CA TYR A 237 3.38 -14.01 6.51
C TYR A 237 3.90 -13.00 5.51
N GLY A 238 3.10 -11.98 5.20
CA GLY A 238 3.56 -10.89 4.31
C GLY A 238 4.40 -9.93 5.09
N PHE A 239 5.43 -9.37 4.45
CA PHE A 239 6.28 -8.42 5.12
C PHE A 239 6.03 -7.06 4.55
N TYR A 240 6.02 -6.06 5.45
CA TYR A 240 5.62 -4.70 5.17
C TYR A 240 6.67 -3.73 5.66
N THR A 241 6.94 -2.68 4.86
CA THR A 241 7.79 -1.61 5.34
C THR A 241 7.10 -0.84 6.47
N HIS A 242 7.81 -0.62 7.57
CA HIS A 242 7.31 0.14 8.74
C HIS A 242 7.38 1.65 8.44
N VAL A 243 6.25 2.25 8.04
CA VAL A 243 6.26 3.65 7.60
C VAL A 243 6.77 4.62 8.69
N PHE A 244 6.25 4.48 9.91
CA PHE A 244 6.67 5.40 10.95
C PHE A 244 8.18 5.42 11.16
N ARG A 245 8.78 4.24 11.18
CA ARG A 245 10.25 4.11 11.36
C ARG A 245 11.04 4.90 10.32
N LEU A 246 10.44 5.10 9.13
CA LEU A 246 11.11 5.80 8.01
C LEU A 246 10.54 7.22 7.75
N LYS A 247 9.68 7.70 8.65
CA LYS A 247 9.05 9.02 8.49
C LYS A 247 10.02 10.21 8.49
N LYS A 248 11.10 10.13 9.23
CA LYS A 248 12.08 11.22 9.22
C LYS A 248 12.65 11.40 7.80
N TRP A 249 12.90 10.29 7.10
CA TRP A 249 13.37 10.37 5.70
C TRP A 249 12.27 10.96 4.79
N ILE A 250 11.03 10.49 4.97
CA ILE A 250 9.87 11.05 4.24
C ILE A 250 9.79 12.58 4.38
N GLN A 251 9.75 13.04 5.64
CA GLN A 251 9.75 14.47 5.93
C GLN A 251 10.93 15.22 5.31
N LYS A 252 12.14 14.67 5.44
CA LYS A 252 13.35 15.30 4.90
C LYS A 252 13.26 15.57 3.39
N VAL A 253 12.81 14.56 2.65
CA VAL A 253 12.62 14.66 1.20
C VAL A 253 11.55 15.70 0.84
N ILE A 254 10.38 15.63 1.49
CA ILE A 254 9.32 16.58 1.18
C ILE A 254 9.75 17.99 1.57
N ASP A 255 10.33 18.17 2.76
CA ASP A 255 10.81 19.50 3.18
C ASP A 255 11.86 20.10 2.23
N GLN A 256 12.80 19.29 1.74
CA GLN A 256 13.83 19.79 0.82
C GLN A 256 13.31 20.00 -0.60
N PHE A 257 12.48 19.08 -1.09
CA PHE A 257 12.10 19.09 -2.49
C PHE A 257 10.69 19.58 -2.79
C1 SIN B 1 -5.56 -7.76 -19.20
O1 SIN B 1 -6.16 -8.60 -18.51
O2 SIN B 1 -4.67 -7.07 -18.64
C2 SIN B 1 -5.89 -7.58 -20.67
C3 SIN B 1 -5.08 -6.42 -21.27
C4 SIN B 1 -5.64 -5.08 -20.80
O3 SIN B 1 -6.85 -4.97 -20.47
N PHE B 2 -4.88 -4.13 -21.11
CA PHE B 2 -5.35 -2.80 -20.62
C PHE B 2 -5.99 -1.96 -21.74
N GLU B 3 -7.09 -1.30 -21.41
CA GLU B 3 -7.72 -0.38 -22.35
C GLU B 3 -6.79 0.81 -22.58
N GLU B 4 -6.69 1.24 -23.83
CA GLU B 4 -5.90 2.41 -24.20
C GLU B 4 -6.27 3.67 -23.42
N ILE B 5 -5.25 4.41 -23.03
CA ILE B 5 -5.41 5.71 -22.38
C ILE B 5 -5.38 6.82 -23.45
N PRO B 6 -6.27 7.84 -23.34
CA PRO B 6 -6.27 8.92 -24.31
C PRO B 6 -4.98 9.75 -24.28
N ALA C 1 -4.89 18.61 6.43
CA ALA C 1 -5.85 18.66 7.58
C ALA C 1 -6.98 17.62 7.45
N ASP C 2 -7.35 17.31 6.20
CA ASP C 2 -8.43 16.36 5.93
C ASP C 2 -7.92 14.96 5.55
N CYS C 3 -6.62 14.70 5.77
CA CYS C 3 -6.06 13.39 5.40
C CYS C 3 -6.84 12.27 6.07
N GLY C 4 -7.03 11.16 5.35
CA GLY C 4 -7.54 9.92 5.96
C GLY C 4 -9.03 9.92 6.24
N LEU C 5 -9.72 10.94 5.75
CA LEU C 5 -11.18 11.01 5.86
C LEU C 5 -11.77 10.89 4.49
N ARG C 6 -12.44 9.75 4.24
CA ARG C 6 -12.91 9.42 2.87
C ARG C 6 -14.18 10.17 2.49
N PRO C 7 -14.18 10.84 1.31
CA PRO C 7 -15.40 11.56 0.88
C PRO C 7 -16.67 10.70 0.92
N LEU C 8 -16.55 9.41 0.57
CA LEU C 8 -17.76 8.60 0.43
C LEU C 8 -18.10 7.81 1.70
N PHE C 9 -17.26 7.96 2.73
CA PHE C 9 -17.46 7.27 4.00
C PHE C 9 -17.40 8.23 5.20
N GLU C 10 -16.24 8.40 5.83
CA GLU C 10 -16.12 9.33 6.99
C GLU C 10 -16.80 10.69 6.76
N LYS C 11 -16.57 11.27 5.58
CA LYS C 11 -17.07 12.63 5.33
C LYS C 11 -18.59 12.71 5.41
N LYS C 12 -19.26 11.60 5.07
CA LYS C 12 -20.71 11.58 5.09
C LYS C 12 -21.28 10.63 6.18
N SER C 13 -20.43 10.26 7.13
CA SER C 13 -20.79 9.38 8.24
C SER C 13 -21.45 8.07 7.73
N LEU C 14 -20.82 7.47 6.72
CA LEU C 14 -21.17 6.11 6.29
C LEU C 14 -20.00 5.19 6.58
N GLU C 15 -20.29 3.93 6.87
CA GLU C 15 -19.24 2.94 7.17
C GLU C 15 -19.11 1.94 6.03
N ASP C 16 -17.87 1.52 5.72
CA ASP C 16 -17.71 0.43 4.77
C ASP C 16 -18.04 -0.93 5.42
N LYS C 17 -18.10 -1.97 4.62
CA LYS C 17 -18.66 -3.24 5.09
C LYS C 17 -17.77 -4.01 6.07
N THR C 18 -16.47 -3.70 6.14
CA THR C 18 -15.57 -4.51 7.00
C THR C 18 -14.72 -3.67 7.98
N GLU C 19 -14.91 -2.34 8.01
CA GLU C 19 -14.11 -1.54 8.92
C GLU C 19 -14.37 -1.90 10.37
N ARG C 20 -15.59 -2.37 10.66
CA ARG C 20 -15.89 -2.85 12.01
C ARG C 20 -14.97 -3.98 12.48
N GLU C 21 -14.53 -4.83 11.55
CA GLU C 21 -13.63 -5.93 11.87
C GLU C 21 -12.31 -5.36 12.42
N LEU C 22 -11.88 -4.23 11.86
CA LEU C 22 -10.64 -3.61 12.31
C LEU C 22 -10.84 -3.06 13.72
N LEU C 23 -11.92 -2.31 13.92
CA LEU C 23 -12.24 -1.74 15.23
C LEU C 23 -12.29 -2.80 16.30
N GLU C 24 -12.97 -3.90 15.99
CA GLU C 24 -13.10 -4.98 16.97
C GLU C 24 -11.75 -5.57 17.40
N SER C 25 -10.75 -5.49 16.53
CA SER C 25 -9.41 -6.02 16.83
C SER C 25 -8.61 -5.07 17.72
N TYR C 26 -9.06 -3.80 17.83
CA TYR C 26 -8.31 -2.79 18.57
C TYR C 26 -8.80 -2.82 20.00
N ILE C 27 -8.26 -3.75 20.79
CA ILE C 27 -8.84 -4.12 22.09
C ILE C 27 -8.28 -3.37 23.29
N ASP C 28 -6.98 -3.12 23.28
CA ASP C 28 -6.29 -2.47 24.40
C ASP C 28 -6.78 -1.03 24.59
O17 I25 D . 7.10 -7.61 -6.31
C15 I25 D . 7.02 -8.87 -6.52
O16 I25 D . 7.16 -9.43 -7.67
C13 I25 D . 6.78 -9.76 -5.35
N14 I25 D . 6.12 -8.99 -4.28
C1 I25 D . 5.43 -9.66 -3.28
C6 I25 D . 4.79 -8.88 -2.31
C4 I25 D . 4.10 -9.51 -1.28
C3 I25 D . 4.08 -10.90 -1.25
C18 I25 D . 3.35 -11.53 -0.17
N20 I25 D . 3.02 -12.83 -0.21
N19 I25 D . 2.95 -10.82 0.91
C5 I25 D . 4.71 -11.69 -2.23
C2 I25 D . 5.39 -11.06 -3.26
C11 I25 D . 8.11 -10.32 -4.95
C8 I25 D . 8.34 -11.68 -5.11
C9 I25 D . 9.13 -9.47 -4.47
C10 I25 D . 10.37 -10.02 -4.12
C21 I25 D . 11.48 -9.14 -3.62
C22 I25 D . 12.09 -8.37 -4.79
C12 I25 D . 10.61 -11.38 -4.27
C7 I25 D . 9.59 -12.20 -4.75
O23 I25 D . 9.81 -13.54 -4.89
C24 I25 D . 9.89 -13.96 -6.27
C25 I25 D . 9.88 -15.49 -6.49
C26 I25 D . 9.62 -16.27 -5.20
C27 I25 D . 8.75 -15.82 -7.47
C28 I25 D . 11.20 -15.97 -7.14
N29 I25 D . 12.43 -15.47 -6.48
C31 I25 D . 13.30 -14.76 -7.44
C30 I25 D . 13.17 -16.59 -5.87
NA NA E . 0.19 -17.37 5.42
CA CA F . 14.45 -17.30 11.33
#